data_1N3Y
#
_entry.id   1N3Y
#
_cell.length_a   84.694
_cell.length_b   84.694
_cell.length_c   65.776
_cell.angle_alpha   90.00
_cell.angle_beta   90.00
_cell.angle_gamma   120.00
#
_symmetry.space_group_name_H-M   'P 61'
#
loop_
_entity.id
_entity.type
_entity.pdbx_description
1 polymer 'Integrin alpha-X'
2 water water
#
_entity_poly.entity_id   1
_entity_poly.type   'polypeptide(L)'
_entity_poly.pdbx_seq_one_letter_code
;GSHMASRQEQDIVFLIDGSGSISSRNFATMMNFVRAVISQFQRPSTQFSLMQFSNKFQTHFTFEEFRRSSNPLSLLASVH
QLQGFTYTATAIQNVVHRLFHASYGARRDAAKILIVITDGKKEGDSLDYKDVIPMADAAGIIRYAIGVGLAFQNRNSWKE
LNDIASKPSQEHIFKVEDFDALKDIQNQLKEKIFAIEG
;
_entity_poly.pdbx_strand_id   A
#
# COMPACT_ATOMS: atom_id res chain seq x y z
N GLN A 8 3.61 -9.86 18.25
CA GLN A 8 3.04 -10.54 17.05
C GLN A 8 3.69 -9.96 15.80
N GLU A 9 4.27 -10.82 14.98
CA GLU A 9 4.94 -10.42 13.76
C GLU A 9 4.00 -9.88 12.69
N GLN A 10 4.47 -8.87 11.97
CA GLN A 10 3.69 -8.27 10.89
C GLN A 10 4.58 -8.04 9.67
N ASP A 11 4.11 -8.50 8.51
CA ASP A 11 4.82 -8.31 7.25
C ASP A 11 3.89 -7.34 6.53
N ILE A 12 4.33 -6.09 6.40
CA ILE A 12 3.49 -5.06 5.79
C ILE A 12 3.99 -4.59 4.44
N VAL A 13 3.12 -4.66 3.43
CA VAL A 13 3.45 -4.18 2.10
C VAL A 13 2.77 -2.86 1.85
N PHE A 14 3.55 -1.89 1.34
CA PHE A 14 3.00 -0.62 0.94
C PHE A 14 2.91 -0.74 -0.57
N LEU A 15 1.75 -0.46 -1.15
CA LEU A 15 1.57 -0.53 -2.59
C LEU A 15 1.17 0.90 -2.96
N ILE A 16 2.08 1.63 -3.59
CA ILE A 16 1.81 3.03 -3.93
C ILE A 16 1.67 3.33 -5.41
N ASP A 17 0.64 4.11 -5.72
CA ASP A 17 0.35 4.53 -7.09
C ASP A 17 1.41 5.54 -7.53
N GLY A 18 1.92 5.35 -8.74
CA GLY A 18 2.94 6.25 -9.27
C GLY A 18 2.49 6.79 -10.62
N SER A 19 1.18 6.77 -10.86
CA SER A 19 0.62 7.25 -12.12
C SER A 19 1.01 8.70 -12.43
N GLY A 20 0.97 9.03 -13.72
CA GLY A 20 1.32 10.37 -14.16
C GLY A 20 0.46 11.47 -13.55
N SER A 21 -0.74 11.12 -13.11
CA SER A 21 -1.65 12.08 -12.49
C SER A 21 -1.08 12.66 -11.20
N ILE A 22 -0.13 11.95 -10.61
CA ILE A 22 0.48 12.43 -9.37
C ILE A 22 1.68 13.32 -9.69
N SER A 23 1.62 14.56 -9.22
CA SER A 23 2.69 15.52 -9.46
C SER A 23 3.95 15.10 -8.71
N SER A 24 5.10 15.57 -9.17
CA SER A 24 6.36 15.24 -8.54
C SER A 24 6.35 15.68 -7.08
N ARG A 25 5.77 16.85 -6.82
CA ARG A 25 5.69 17.38 -5.47
C ARG A 25 4.86 16.45 -4.60
N ASN A 26 3.70 16.03 -5.12
CA ASN A 26 2.83 15.14 -4.37
C ASN A 26 3.44 13.76 -4.16
N PHE A 27 4.18 13.28 -5.15
CA PHE A 27 4.81 11.97 -5.03
C PHE A 27 5.82 12.03 -3.89
N ALA A 28 6.58 13.12 -3.83
CA ALA A 28 7.58 13.27 -2.78
C ALA A 28 6.87 13.30 -1.43
N THR A 29 5.75 13.99 -1.36
CA THR A 29 4.98 14.08 -0.12
C THR A 29 4.48 12.70 0.30
N MET A 30 4.03 11.91 -0.68
CA MET A 30 3.56 10.56 -0.40
C MET A 30 4.70 9.71 0.17
N MET A 31 5.90 9.83 -0.41
CA MET A 31 7.04 9.07 0.09
C MET A 31 7.41 9.48 1.52
N ASN A 32 7.24 10.77 1.84
CA ASN A 32 7.54 11.25 3.19
C ASN A 32 6.56 10.60 4.17
N PHE A 33 5.34 10.38 3.71
CA PHE A 33 4.30 9.75 4.52
C PHE A 33 4.67 8.29 4.78
N VAL A 34 5.08 7.60 3.72
CA VAL A 34 5.48 6.21 3.85
C VAL A 34 6.63 6.11 4.85
N ARG A 35 7.62 6.98 4.72
CA ARG A 35 8.76 6.97 5.63
C ARG A 35 8.33 7.22 7.08
N ALA A 36 7.41 8.17 7.26
CA ALA A 36 6.93 8.50 8.60
C ALA A 36 6.20 7.32 9.26
N VAL A 37 5.35 6.64 8.49
CA VAL A 37 4.62 5.50 9.04
C VAL A 37 5.60 4.39 9.40
N ILE A 38 6.50 4.06 8.49
CA ILE A 38 7.48 3.00 8.75
C ILE A 38 8.30 3.30 9.99
N SER A 39 8.64 4.57 10.20
CA SER A 39 9.45 4.95 11.36
C SER A 39 8.74 4.74 12.71
N GLN A 40 7.44 4.48 12.68
CA GLN A 40 6.68 4.27 13.91
C GLN A 40 6.74 2.81 14.37
N PHE A 41 7.33 1.95 13.54
CA PHE A 41 7.44 0.54 13.86
C PHE A 41 8.88 0.11 14.07
N GLN A 42 9.05 -1.06 14.68
CA GLN A 42 10.38 -1.60 14.94
C GLN A 42 10.56 -3.02 14.44
N ARG A 43 11.76 -3.31 13.96
CA ARG A 43 12.11 -4.65 13.52
C ARG A 43 12.59 -5.28 14.83
N PRO A 44 12.59 -6.62 14.91
CA PRO A 44 12.19 -7.55 13.86
C PRO A 44 10.69 -7.90 13.85
N SER A 45 9.94 -7.39 14.82
CA SER A 45 8.50 -7.70 14.87
C SER A 45 7.81 -7.28 13.58
N THR A 46 8.06 -6.05 13.15
CA THR A 46 7.45 -5.53 11.94
C THR A 46 8.48 -5.39 10.82
N GLN A 47 8.13 -5.87 9.64
CA GLN A 47 9.01 -5.75 8.48
C GLN A 47 8.17 -5.17 7.37
N PHE A 48 8.82 -4.47 6.45
CA PHE A 48 8.12 -3.82 5.35
C PHE A 48 8.65 -4.20 3.98
N SER A 49 7.79 -4.04 2.97
CA SER A 49 8.14 -4.28 1.58
C SER A 49 7.39 -3.20 0.81
N LEU A 50 7.99 -2.70 -0.27
CA LEU A 50 7.38 -1.63 -1.05
C LEU A 50 7.27 -1.90 -2.54
N MET A 51 6.06 -1.81 -3.09
CA MET A 51 5.87 -1.96 -4.53
C MET A 51 5.18 -0.69 -5.00
N GLN A 52 5.59 -0.20 -6.16
CA GLN A 52 4.97 0.98 -6.75
C GLN A 52 4.28 0.47 -8.01
N PHE A 53 3.11 1.02 -8.32
CA PHE A 53 2.39 0.59 -9.53
C PHE A 53 1.82 1.75 -10.33
N SER A 54 1.64 1.51 -11.62
CA SER A 54 1.01 2.45 -12.54
C SER A 54 0.44 1.43 -13.50
N ASN A 55 0.91 1.40 -14.75
CA ASN A 55 0.50 0.38 -15.68
C ASN A 55 1.66 -0.61 -15.62
N LYS A 56 2.71 -0.21 -14.91
CA LYS A 56 3.89 -1.05 -14.72
C LYS A 56 4.01 -1.34 -13.24
N PHE A 57 4.87 -2.27 -12.87
CA PHE A 57 5.02 -2.64 -11.48
C PHE A 57 6.48 -2.78 -11.09
N GLN A 58 6.86 -2.17 -9.97
CA GLN A 58 8.24 -2.23 -9.51
C GLN A 58 8.32 -2.51 -8.03
N THR A 59 9.07 -3.54 -7.67
CA THR A 59 9.27 -3.86 -6.26
C THR A 59 10.54 -3.12 -5.87
N HIS A 60 10.40 -2.09 -5.04
CA HIS A 60 11.54 -1.30 -4.60
C HIS A 60 12.37 -2.04 -3.57
N PHE A 61 11.72 -2.78 -2.69
CA PHE A 61 12.43 -3.61 -1.74
C PHE A 61 11.52 -4.69 -1.18
N THR A 62 12.11 -5.86 -0.97
CA THR A 62 11.40 -7.01 -0.45
C THR A 62 11.57 -7.04 1.07
N PHE A 63 10.84 -7.95 1.72
CA PHE A 63 10.93 -8.08 3.16
C PHE A 63 12.34 -8.48 3.55
N GLU A 64 12.96 -9.34 2.75
CA GLU A 64 14.32 -9.80 3.04
C GLU A 64 15.30 -8.64 3.01
N GLU A 65 15.16 -7.75 2.03
CA GLU A 65 16.05 -6.61 1.92
C GLU A 65 15.84 -5.66 3.09
N PHE A 66 14.59 -5.48 3.49
CA PHE A 66 14.30 -4.60 4.62
C PHE A 66 14.88 -5.19 5.91
N ARG A 67 14.70 -6.49 6.08
CA ARG A 67 15.18 -7.20 7.26
C ARG A 67 16.70 -7.17 7.46
N ARG A 68 17.44 -7.35 6.37
CA ARG A 68 18.90 -7.39 6.45
C ARG A 68 19.58 -6.02 6.47
N SER A 69 18.83 -4.98 6.13
CA SER A 69 19.37 -3.63 6.08
C SER A 69 19.85 -3.04 7.41
N SER A 70 21.01 -2.40 7.40
CA SER A 70 21.52 -1.78 8.61
C SER A 70 20.90 -0.39 8.74
N ASN A 71 20.24 0.07 7.69
CA ASN A 71 19.58 1.37 7.68
C ASN A 71 18.41 1.29 6.71
N PRO A 72 17.32 0.63 7.13
CA PRO A 72 16.09 0.44 6.34
C PRO A 72 15.46 1.67 5.70
N LEU A 73 15.30 2.75 6.45
CA LEU A 73 14.69 3.95 5.90
C LEU A 73 15.40 4.46 4.64
N SER A 74 16.66 4.08 4.46
CA SER A 74 17.42 4.51 3.30
C SER A 74 16.91 3.82 2.03
N LEU A 75 16.27 2.67 2.20
CA LEU A 75 15.74 1.93 1.06
C LEU A 75 14.61 2.72 0.40
N LEU A 76 14.18 3.80 1.05
CA LEU A 76 13.11 4.65 0.53
C LEU A 76 13.68 5.92 -0.09
N ALA A 77 14.99 6.05 -0.07
CA ALA A 77 15.66 7.23 -0.60
C ALA A 77 15.72 7.33 -2.12
N SER A 78 15.88 6.20 -2.79
CA SER A 78 15.98 6.21 -4.25
C SER A 78 14.77 5.65 -4.97
N VAL A 79 13.58 6.10 -4.58
CA VAL A 79 12.35 5.65 -5.22
C VAL A 79 11.93 6.67 -6.26
N HIS A 80 11.99 6.28 -7.53
CA HIS A 80 11.61 7.16 -8.63
C HIS A 80 10.22 6.83 -9.13
N GLN A 81 9.44 7.86 -9.42
CA GLN A 81 8.07 7.69 -9.90
C GLN A 81 8.05 7.03 -11.28
N LEU A 82 7.15 6.06 -11.42
CA LEU A 82 7.01 5.31 -12.66
C LEU A 82 6.30 6.05 -13.79
N GLN A 83 5.29 6.84 -13.41
CA GLN A 83 4.43 7.56 -14.35
C GLN A 83 3.53 6.49 -14.98
N GLY A 84 2.56 6.90 -15.80
CA GLY A 84 1.70 5.93 -16.44
C GLY A 84 0.25 5.90 -15.95
N PHE A 85 -0.43 4.80 -16.20
CA PHE A 85 -1.83 4.62 -15.81
C PHE A 85 -1.98 4.10 -14.38
N THR A 86 -3.17 3.62 -14.05
CA THR A 86 -3.46 3.11 -12.70
C THR A 86 -4.20 1.77 -12.74
N TYR A 87 -3.45 0.67 -12.78
CA TYR A 87 -4.02 -0.68 -12.83
C TYR A 87 -3.98 -1.27 -11.43
N THR A 88 -4.82 -0.74 -10.55
CA THR A 88 -4.87 -1.15 -9.15
C THR A 88 -5.17 -2.63 -8.90
N ALA A 89 -6.06 -3.21 -9.69
CA ALA A 89 -6.40 -4.62 -9.52
C ALA A 89 -5.20 -5.51 -9.84
N THR A 90 -4.58 -5.26 -10.99
CA THR A 90 -3.42 -6.05 -11.38
C THR A 90 -2.28 -5.82 -10.39
N ALA A 91 -2.16 -4.60 -9.87
CA ALA A 91 -1.11 -4.30 -8.90
C ALA A 91 -1.32 -5.14 -7.64
N ILE A 92 -2.56 -5.22 -7.16
CA ILE A 92 -2.86 -6.01 -5.97
C ILE A 92 -2.55 -7.47 -6.26
N GLN A 93 -2.90 -7.94 -7.46
CA GLN A 93 -2.63 -9.32 -7.84
C GLN A 93 -1.13 -9.61 -7.77
N ASN A 94 -0.33 -8.68 -8.29
CA ASN A 94 1.11 -8.87 -8.29
C ASN A 94 1.67 -8.93 -6.88
N VAL A 95 1.13 -8.12 -5.97
CA VAL A 95 1.60 -8.15 -4.58
C VAL A 95 1.22 -9.47 -3.92
N VAL A 96 -0.06 -9.79 -4.01
CA VAL A 96 -0.59 -11.01 -3.38
C VAL A 96 0.08 -12.28 -3.85
N HIS A 97 0.48 -12.34 -5.12
CA HIS A 97 1.09 -13.55 -5.64
C HIS A 97 2.61 -13.56 -5.69
N ARG A 98 3.24 -12.58 -5.04
CA ARG A 98 4.70 -12.54 -5.03
C ARG A 98 5.36 -12.03 -3.75
N LEU A 99 5.02 -10.81 -3.33
CA LEU A 99 5.66 -10.22 -2.17
C LEU A 99 5.56 -10.94 -0.82
N PHE A 100 4.58 -11.82 -0.67
CA PHE A 100 4.42 -12.56 0.58
C PHE A 100 4.99 -13.96 0.51
N HIS A 101 5.73 -14.26 -0.56
CA HIS A 101 6.34 -15.58 -0.70
C HIS A 101 7.47 -15.69 0.32
N ALA A 102 7.75 -16.91 0.77
CA ALA A 102 8.81 -17.13 1.74
C ALA A 102 10.14 -16.71 1.12
N SER A 103 10.25 -16.88 -0.19
CA SER A 103 11.47 -16.52 -0.92
C SER A 103 11.75 -15.02 -0.94
N TYR A 104 10.74 -14.23 -0.61
CA TYR A 104 10.88 -12.78 -0.59
C TYR A 104 11.15 -12.27 0.83
N GLY A 105 11.25 -13.21 1.76
CA GLY A 105 11.52 -12.84 3.14
C GLY A 105 10.30 -12.83 4.04
N ALA A 106 9.13 -13.13 3.49
CA ALA A 106 7.91 -13.15 4.28
C ALA A 106 7.93 -14.29 5.31
N ARG A 107 7.28 -14.07 6.44
CA ARG A 107 7.23 -15.07 7.51
C ARG A 107 5.87 -15.76 7.59
N ARG A 108 5.88 -17.07 7.66
CA ARG A 108 4.66 -17.86 7.73
C ARG A 108 3.73 -17.44 8.86
N ASP A 109 4.29 -17.24 10.04
CA ASP A 109 3.48 -16.88 11.21
C ASP A 109 3.16 -15.39 11.36
N ALA A 110 3.62 -14.56 10.42
CA ALA A 110 3.35 -13.13 10.51
C ALA A 110 2.00 -12.74 9.91
N ALA A 111 1.41 -11.68 10.46
CA ALA A 111 0.16 -11.18 9.92
C ALA A 111 0.57 -10.54 8.61
N LYS A 112 -0.23 -10.70 7.56
CA LYS A 112 0.07 -10.13 6.26
C LYS A 112 -0.84 -8.91 6.06
N ILE A 113 -0.21 -7.76 5.85
CA ILE A 113 -0.93 -6.51 5.70
C ILE A 113 -0.55 -5.78 4.43
N LEU A 114 -1.55 -5.20 3.75
CA LEU A 114 -1.32 -4.46 2.51
C LEU A 114 -1.95 -3.08 2.66
N ILE A 115 -1.15 -2.04 2.42
CA ILE A 115 -1.62 -0.66 2.49
C ILE A 115 -1.51 -0.10 1.08
N VAL A 116 -2.67 0.24 0.50
CA VAL A 116 -2.70 0.77 -0.86
C VAL A 116 -2.96 2.27 -0.85
N ILE A 117 -2.12 3.02 -1.55
CA ILE A 117 -2.30 4.48 -1.62
C ILE A 117 -2.53 4.82 -3.09
N THR A 118 -3.65 5.47 -3.38
CA THR A 118 -3.97 5.83 -4.75
C THR A 118 -4.68 7.19 -4.83
N ASP A 119 -4.51 7.86 -5.96
CA ASP A 119 -5.15 9.17 -6.16
C ASP A 119 -6.32 9.04 -7.13
N GLY A 120 -6.70 7.81 -7.46
CA GLY A 120 -7.81 7.64 -8.38
C GLY A 120 -8.28 6.22 -8.56
N LYS A 121 -9.40 6.07 -9.27
CA LYS A 121 -9.95 4.75 -9.52
C LYS A 121 -9.15 4.06 -10.61
N LYS A 122 -9.17 2.73 -10.61
CA LYS A 122 -8.42 2.00 -11.63
C LYS A 122 -9.15 2.21 -12.96
N GLU A 123 -8.38 2.40 -14.02
CA GLU A 123 -8.95 2.60 -15.35
C GLU A 123 -8.12 1.83 -16.35
N GLY A 124 -8.79 1.10 -17.24
CA GLY A 124 -8.08 0.34 -18.26
C GLY A 124 -7.46 -0.96 -17.79
N ASP A 125 -7.64 -1.29 -16.51
CA ASP A 125 -7.10 -2.52 -15.96
C ASP A 125 -7.92 -3.69 -16.52
N SER A 126 -7.23 -4.67 -17.10
CA SER A 126 -7.92 -5.84 -17.66
C SER A 126 -8.47 -6.74 -16.56
N LEU A 127 -8.09 -6.49 -15.31
CA LEU A 127 -8.58 -7.30 -14.20
C LEU A 127 -9.58 -6.54 -13.34
N ASP A 128 -10.54 -7.27 -12.81
CA ASP A 128 -11.57 -6.70 -11.94
C ASP A 128 -11.18 -7.03 -10.50
N TYR A 129 -11.71 -6.26 -9.55
CA TYR A 129 -11.40 -6.52 -8.15
C TYR A 129 -11.91 -7.89 -7.73
N LYS A 130 -13.03 -8.31 -8.31
CA LYS A 130 -13.58 -9.62 -7.96
C LYS A 130 -12.68 -10.75 -8.46
N ASP A 131 -11.69 -10.40 -9.29
CA ASP A 131 -10.77 -11.38 -9.82
C ASP A 131 -9.53 -11.53 -8.94
N VAL A 132 -9.28 -10.54 -8.10
CA VAL A 132 -8.09 -10.56 -7.26
C VAL A 132 -8.32 -10.56 -5.75
N ILE A 133 -9.40 -9.90 -5.32
CA ILE A 133 -9.69 -9.79 -3.89
C ILE A 133 -10.04 -11.11 -3.19
N PRO A 134 -10.81 -11.99 -3.85
CA PRO A 134 -11.15 -13.26 -3.18
C PRO A 134 -9.90 -14.03 -2.75
N MET A 135 -8.87 -14.02 -3.57
CA MET A 135 -7.64 -14.72 -3.22
C MET A 135 -6.93 -14.01 -2.09
N ALA A 136 -6.98 -12.68 -2.09
CA ALA A 136 -6.35 -11.92 -1.02
C ALA A 136 -7.03 -12.29 0.30
N ASP A 137 -8.36 -12.45 0.28
CA ASP A 137 -9.10 -12.82 1.47
C ASP A 137 -8.72 -14.23 1.91
N ALA A 138 -8.55 -15.13 0.95
CA ALA A 138 -8.18 -16.51 1.26
C ALA A 138 -6.82 -16.57 1.97
N ALA A 139 -5.92 -15.68 1.57
CA ALA A 139 -4.58 -15.61 2.16
C ALA A 139 -4.58 -14.86 3.48
N GLY A 140 -5.72 -14.31 3.85
CA GLY A 140 -5.83 -13.58 5.10
C GLY A 140 -5.08 -12.26 5.08
N ILE A 141 -4.94 -11.68 3.91
CA ILE A 141 -4.23 -10.40 3.79
C ILE A 141 -5.16 -9.25 4.19
N ILE A 142 -4.78 -8.55 5.25
CA ILE A 142 -5.55 -7.42 5.75
C ILE A 142 -5.19 -6.21 4.91
N ARG A 143 -6.19 -5.64 4.27
CA ARG A 143 -5.99 -4.52 3.36
C ARG A 143 -6.54 -3.17 3.79
N TYR A 144 -5.69 -2.15 3.67
CA TYR A 144 -6.09 -0.78 3.96
C TYR A 144 -6.06 -0.02 2.65
N ALA A 145 -7.08 0.79 2.41
CA ALA A 145 -7.14 1.57 1.19
C ALA A 145 -7.13 3.05 1.57
N ILE A 146 -6.17 3.78 1.02
CA ILE A 146 -6.04 5.21 1.27
C ILE A 146 -6.29 5.92 -0.05
N GLY A 147 -7.40 6.65 -0.12
CA GLY A 147 -7.74 7.37 -1.34
C GLY A 147 -7.43 8.84 -1.16
N VAL A 148 -6.61 9.39 -2.06
CA VAL A 148 -6.19 10.79 -1.98
C VAL A 148 -6.87 11.63 -3.06
N GLY A 149 -7.70 12.59 -2.66
CA GLY A 149 -8.39 13.43 -3.62
C GLY A 149 -9.85 13.61 -3.25
N LEU A 150 -10.39 14.79 -3.56
CA LEU A 150 -11.78 15.11 -3.26
C LEU A 150 -12.78 14.20 -3.97
N ALA A 151 -12.34 13.57 -5.05
CA ALA A 151 -13.19 12.66 -5.81
C ALA A 151 -13.63 11.47 -4.95
N PHE A 152 -12.81 11.12 -3.97
CA PHE A 152 -13.13 10.00 -3.09
C PHE A 152 -14.19 10.36 -2.05
N GLN A 153 -14.86 11.48 -2.25
CA GLN A 153 -15.91 11.93 -1.34
C GLN A 153 -17.28 11.55 -1.89
N ASN A 154 -17.32 11.17 -3.17
CA ASN A 154 -18.56 10.79 -3.82
C ASN A 154 -18.87 9.30 -3.61
N ARG A 155 -19.48 8.67 -4.61
CA ARG A 155 -19.81 7.26 -4.52
C ARG A 155 -19.00 6.45 -5.53
N ASN A 156 -18.85 6.99 -6.73
CA ASN A 156 -18.10 6.32 -7.79
C ASN A 156 -16.69 5.94 -7.36
N SER A 157 -16.04 6.81 -6.60
CA SER A 157 -14.69 6.55 -6.12
C SER A 157 -14.68 5.91 -4.74
N TRP A 158 -15.75 6.13 -3.98
CA TRP A 158 -15.86 5.57 -2.63
C TRP A 158 -15.92 4.05 -2.68
N LYS A 159 -16.76 3.53 -3.58
CA LYS A 159 -16.93 2.09 -3.75
C LYS A 159 -15.60 1.43 -4.10
N GLU A 160 -14.73 2.20 -4.74
CA GLU A 160 -13.41 1.74 -5.14
C GLU A 160 -12.59 1.36 -3.90
N LEU A 161 -12.64 2.23 -2.89
CA LEU A 161 -11.91 1.98 -1.65
C LEU A 161 -12.51 0.78 -0.93
N ASN A 162 -13.82 0.64 -0.98
CA ASN A 162 -14.48 -0.48 -0.33
C ASN A 162 -14.11 -1.79 -1.02
N ASP A 163 -13.97 -1.78 -2.34
CA ASP A 163 -13.60 -2.99 -3.05
C ASP A 163 -12.18 -3.43 -2.74
N ILE A 164 -11.32 -2.46 -2.43
CA ILE A 164 -9.93 -2.76 -2.11
C ILE A 164 -9.70 -3.17 -0.66
N ALA A 165 -10.29 -2.42 0.27
CA ALA A 165 -10.10 -2.65 1.69
C ALA A 165 -10.79 -3.85 2.32
N SER A 166 -10.21 -4.33 3.42
CA SER A 166 -10.78 -5.45 4.16
C SER A 166 -11.99 -4.93 4.91
N LYS A 167 -12.84 -5.85 5.37
CA LYS A 167 -14.03 -5.51 6.13
C LYS A 167 -13.71 -5.68 7.61
N PRO A 168 -14.31 -4.85 8.48
CA PRO A 168 -15.29 -3.79 8.17
C PRO A 168 -14.59 -2.70 7.35
N SER A 169 -15.26 -2.24 6.31
CA SER A 169 -14.72 -1.21 5.43
C SER A 169 -14.27 0.07 6.11
N GLN A 170 -15.12 0.63 6.97
CA GLN A 170 -14.79 1.87 7.66
C GLN A 170 -13.46 1.83 8.39
N GLU A 171 -13.20 0.72 9.08
CA GLU A 171 -11.97 0.53 9.85
C GLU A 171 -10.74 0.35 8.97
N HIS A 172 -10.94 0.15 7.69
CA HIS A 172 -9.80 -0.08 6.79
C HIS A 172 -9.66 0.90 5.65
N ILE A 173 -10.44 1.97 5.68
CA ILE A 173 -10.39 2.97 4.63
C ILE A 173 -10.06 4.36 5.17
N PHE A 174 -9.29 5.11 4.39
CA PHE A 174 -8.95 6.48 4.75
C PHE A 174 -9.13 7.35 3.51
N LYS A 175 -9.80 8.48 3.70
CA LYS A 175 -10.04 9.42 2.61
C LYS A 175 -9.42 10.75 3.02
N VAL A 176 -8.44 11.20 2.25
CA VAL A 176 -7.80 12.48 2.55
C VAL A 176 -7.97 13.41 1.36
N GLU A 177 -8.21 14.69 1.66
CA GLU A 177 -8.44 15.70 0.63
C GLU A 177 -7.29 15.91 -0.35
N ASP A 178 -6.06 15.82 0.15
CA ASP A 178 -4.88 15.98 -0.70
C ASP A 178 -3.67 15.28 -0.10
N PHE A 179 -2.57 15.26 -0.85
CA PHE A 179 -1.37 14.60 -0.36
C PHE A 179 -0.79 15.27 0.89
N ASP A 180 -0.99 16.58 1.02
CA ASP A 180 -0.48 17.28 2.19
C ASP A 180 -1.25 16.89 3.45
N ALA A 181 -2.41 16.24 3.26
CA ALA A 181 -3.23 15.81 4.39
C ALA A 181 -2.93 14.38 4.83
N LEU A 182 -2.03 13.69 4.13
CA LEU A 182 -1.70 12.32 4.51
C LEU A 182 -1.12 12.26 5.91
N LYS A 183 -0.28 13.23 6.25
CA LYS A 183 0.33 13.26 7.57
C LYS A 183 -0.71 13.27 8.68
N ASP A 184 -1.92 13.74 8.38
CA ASP A 184 -2.99 13.81 9.37
C ASP A 184 -3.58 12.47 9.77
N ILE A 185 -3.30 11.42 8.99
CA ILE A 185 -3.82 10.10 9.31
C ILE A 185 -2.72 9.14 9.78
N GLN A 186 -1.50 9.64 9.92
CA GLN A 186 -0.40 8.79 10.36
C GLN A 186 -0.69 8.08 11.68
N ASN A 187 -1.09 8.83 12.69
CA ASN A 187 -1.38 8.24 13.99
C ASN A 187 -2.55 7.26 13.93
N GLN A 188 -3.58 7.62 13.17
CA GLN A 188 -4.75 6.76 13.02
C GLN A 188 -4.37 5.44 12.37
N LEU A 189 -3.60 5.51 11.30
CA LEU A 189 -3.17 4.31 10.59
C LEU A 189 -2.29 3.45 11.50
N LYS A 190 -1.36 4.10 12.19
CA LYS A 190 -0.46 3.40 13.11
C LYS A 190 -1.26 2.62 14.15
N GLU A 191 -2.25 3.28 14.76
CA GLU A 191 -3.09 2.64 15.77
C GLU A 191 -3.83 1.43 15.21
N LYS A 192 -4.32 1.54 13.98
CA LYS A 192 -5.04 0.44 13.35
C LYS A 192 -4.12 -0.78 13.24
N ILE A 193 -2.91 -0.56 12.72
CA ILE A 193 -1.96 -1.64 12.52
C ILE A 193 -1.48 -2.26 13.84
N PHE A 194 -1.19 -1.40 14.82
CA PHE A 194 -0.72 -1.88 16.11
C PHE A 194 -1.76 -2.79 16.78
N ALA A 195 -3.02 -2.62 16.39
CA ALA A 195 -4.11 -3.42 16.94
C ALA A 195 -4.21 -4.79 16.30
N ILE A 196 -3.44 -5.01 15.23
CA ILE A 196 -3.44 -6.29 14.53
C ILE A 196 -2.41 -7.24 15.13
#